data_2A5X
#
_entry.id   2A5X
#
_cell.length_a   207.377
_cell.length_b   54.372
_cell.length_c   36.200
_cell.angle_alpha   90.00
_cell.angle_beta   98.62
_cell.angle_gamma   90.00
#
_symmetry.space_group_name_H-M   'C 1 2 1'
#
loop_
_entity.id
_entity.type
_entity.pdbx_description
1 polymer 'Actin, alpha skeletal muscle'
2 non-polymer 'CALCIUM ION'
3 non-polymer 'PHOSPHOAMINOPHOSPHONIC ACID-ADENYLATE ESTER'
4 non-polymer 'LATRUNCULIN A'
5 non-polymer N,N,N-TRIMETHYL-3-SULFOPROPAN-1-AMINIUM
6 non-polymer (4S)-2-METHYL-2,4-PENTANEDIOL
7 water water
#
_entity_poly.entity_id   1
_entity_poly.type   'polypeptide(L)'
_entity_poly.pdbx_seq_one_letter_code
;DEDETTALVCDNGSGLVKAGFAGDDAPRAVFPSIVGRPRHQGVMVGMGQKDSYVGDEAQSKRGILTLKYPIEHGIITNWD
DMEKIWHHTFYNELRVAPEEHPTLLTEAPLNPKANREKMTQIMFETFNVPAMYVAIQAVLSLYASGRTTGIVLDSGDGVT
HNVPIYEGYALPHAIMRLDLAGRDLTDYLMKILTERGYSFVTTAEREIVRDIKEKLCYVALDFENEMATAASSSSLEKSY
ELPDGQVITIGNERFRCPETLFQPSFIGMESAGIHETTYNSIMKCDIDIRKDLYANNVMSGGTTMYPGIADRMQKEITAL
APSTMKIKIIAPPERKYSVWIGGSILASLSTFQQMWITKQEYDEAGPSIVHRKCF
;
_entity_poly.pdbx_strand_id   A
#
# COMPACT_ATOMS: atom_id res chain seq x y z
N THR A 5 28.34 3.54 1.97
CA THR A 5 28.31 2.46 3.01
C THR A 5 26.96 2.40 3.71
N THR A 6 26.13 3.41 3.49
CA THR A 6 24.74 3.39 3.97
C THR A 6 23.86 2.88 2.84
N ALA A 7 23.00 1.92 3.16
CA ALA A 7 22.04 1.41 2.19
C ALA A 7 20.90 2.41 2.03
N LEU A 8 20.35 2.46 0.83
CA LEU A 8 19.15 3.25 0.56
C LEU A 8 17.93 2.33 0.55
N VAL A 9 16.77 2.89 0.88
CA VAL A 9 15.52 2.16 0.81
C VAL A 9 14.54 3.00 0.03
N CYS A 10 14.08 2.46 -1.09
CA CYS A 10 13.16 3.17 -1.93
C CYS A 10 11.89 2.35 -2.18
N ASP A 11 10.78 2.89 -1.70
CA ASP A 11 9.50 2.25 -1.80
C ASP A 11 8.65 3.01 -2.79
N ASN A 12 8.50 2.41 -3.97
CA ASN A 12 7.79 2.98 -5.10
C ASN A 12 6.30 2.58 -5.05
N GLY A 13 5.41 3.56 -4.87
CA GLY A 13 3.98 3.29 -4.86
C GLY A 13 3.25 3.97 -6.01
N SER A 14 1.98 3.57 -6.20
CA SER A 14 1.14 4.12 -7.27
C SER A 14 0.99 5.60 -7.14
N GLY A 15 0.99 6.09 -5.89
CA GLY A 15 0.76 7.50 -5.62
C GLY A 15 1.89 8.22 -4.91
N LEU A 16 2.56 7.53 -3.99
CA LEU A 16 3.63 8.12 -3.20
C LEU A 16 4.90 7.31 -3.24
N VAL A 17 6.03 8.02 -3.38
CA VAL A 17 7.35 7.42 -3.22
C VAL A 17 7.83 7.66 -1.79
N LYS A 18 8.15 6.57 -1.09
CA LYS A 18 8.74 6.62 0.25
C LYS A 18 10.24 6.27 0.18
N ALA A 19 11.11 7.24 0.43
CA ALA A 19 12.55 7.00 0.35
C ALA A 19 13.36 7.53 1.53
N GLY A 20 14.48 6.84 1.81
CA GLY A 20 15.36 7.16 2.94
C GLY A 20 16.49 6.15 3.10
N PHE A 21 17.07 6.09 4.30
CA PHE A 21 18.25 5.29 4.57
C PHE A 21 17.96 4.15 5.55
N ALA A 22 18.40 2.96 5.21
CA ALA A 22 18.29 1.82 6.12
C ALA A 22 18.88 2.16 7.50
N GLY A 23 18.21 1.73 8.57
CA GLY A 23 18.65 2.03 9.93
C GLY A 23 17.90 3.18 10.57
N ASP A 24 17.08 3.86 9.77
CA ASP A 24 16.21 4.94 10.24
C ASP A 24 14.81 4.41 10.51
N ASP A 25 14.12 5.05 11.47
CA ASP A 25 12.74 4.68 11.85
C ASP A 25 11.68 5.16 10.84
N ALA A 26 12.07 6.09 9.96
CA ALA A 26 11.14 6.67 8.99
C ALA A 26 11.86 7.14 7.74
N PRO A 27 11.15 7.19 6.59
CA PRO A 27 11.73 7.74 5.36
C PRO A 27 11.99 9.23 5.50
N ARG A 28 13.12 9.72 4.98
CA ARG A 28 13.42 11.15 5.00
C ARG A 28 12.64 11.97 3.96
N ALA A 29 12.14 11.28 2.94
CA ALA A 29 11.51 11.90 1.79
C ALA A 29 10.31 11.07 1.36
N VAL A 30 9.16 11.75 1.31
CA VAL A 30 7.92 11.20 0.83
C VAL A 30 7.37 12.22 -0.18
N PHE A 31 7.14 11.77 -1.41
CA PHE A 31 6.74 12.64 -2.51
C PHE A 31 5.92 11.89 -3.56
N PRO A 32 5.18 12.63 -4.39
CA PRO A 32 4.20 12.01 -5.29
C PRO A 32 4.84 11.32 -6.46
N SER A 33 4.31 10.19 -6.89
CA SER A 33 4.88 9.51 -8.08
C SER A 33 4.24 10.02 -9.35
N ILE A 34 4.65 11.21 -9.75
CA ILE A 34 4.12 11.83 -10.96
C ILE A 34 5.22 12.45 -11.80
N VAL A 35 5.00 12.41 -13.11
CA VAL A 35 5.74 13.20 -14.07
C VAL A 35 4.73 14.08 -14.81
N GLY A 36 5.13 15.32 -15.11
CA GLY A 36 4.26 16.22 -15.88
C GLY A 36 4.83 16.46 -17.26
N ARG A 37 3.98 16.46 -18.28
CA ARG A 37 4.46 16.80 -19.64
C ARG A 37 4.30 18.27 -19.99
N THR A 66 -0.64 18.39 -17.76
CA THR A 66 -1.07 16.99 -17.63
C THR A 66 -0.08 16.17 -16.80
N LEU A 67 -0.62 15.38 -15.89
CA LEU A 67 0.18 14.56 -15.02
C LEU A 67 0.03 13.10 -15.39
N LYS A 68 1.16 12.41 -15.52
CA LYS A 68 1.15 10.96 -15.66
C LYS A 68 1.61 10.30 -14.38
N TYR A 69 0.90 9.23 -14.05
CA TYR A 69 1.29 8.31 -12.97
C TYR A 69 2.00 7.14 -13.64
N PRO A 70 3.34 7.06 -13.50
CA PRO A 70 4.16 5.96 -14.05
C PRO A 70 3.90 4.60 -13.42
N ILE A 71 3.26 4.57 -12.25
CA ILE A 71 2.92 3.32 -11.61
C ILE A 71 1.40 3.15 -11.55
N GLU A 72 0.90 2.16 -12.27
CA GLU A 72 -0.53 1.86 -12.29
C GLU A 72 -0.83 0.54 -11.55
N HIS A 73 -1.61 0.64 -10.47
CA HIS A 73 -2.03 -0.49 -9.65
C HIS A 73 -0.85 -1.25 -9.04
N GLY A 74 0.21 -0.51 -8.73
CA GLY A 74 1.39 -1.07 -8.05
C GLY A 74 2.51 -1.54 -8.97
N ILE A 75 2.22 -1.58 -10.27
CA ILE A 75 3.13 -2.03 -11.33
C ILE A 75 3.68 -0.82 -12.11
N ILE A 76 4.99 -0.80 -12.37
CA ILE A 76 5.60 0.20 -13.26
C ILE A 76 5.20 -0.05 -14.72
N THR A 77 4.65 0.97 -15.39
CA THR A 77 4.21 0.82 -16.80
C THR A 77 4.85 1.81 -17.77
N ASN A 78 5.51 2.83 -17.23
CA ASN A 78 6.32 3.71 -18.07
C ASN A 78 7.74 3.79 -17.51
N TRP A 79 8.70 3.32 -18.30
CA TRP A 79 10.08 3.19 -17.82
C TRP A 79 10.90 4.48 -17.88
N ASP A 80 10.71 5.27 -18.93
CA ASP A 80 11.38 6.57 -19.04
C ASP A 80 10.96 7.45 -17.87
N ASP A 81 9.68 7.40 -17.55
CA ASP A 81 9.09 8.21 -16.51
C ASP A 81 9.55 7.75 -15.13
N MET A 82 9.66 6.43 -14.96
CA MET A 82 10.16 5.83 -13.74
C MET A 82 11.64 6.19 -13.49
N GLU A 83 12.42 6.25 -14.56
CA GLU A 83 13.81 6.72 -14.50
C GLU A 83 13.90 8.13 -13.94
N LYS A 84 12.98 9.01 -14.35
CA LYS A 84 12.97 10.41 -13.90
C LYS A 84 12.68 10.45 -12.41
N ILE A 85 11.75 9.61 -11.98
CA ILE A 85 11.39 9.53 -10.57
C ILE A 85 12.56 9.03 -9.70
N TRP A 86 13.26 8.00 -10.16
CA TRP A 86 14.40 7.50 -9.41
C TRP A 86 15.52 8.52 -9.48
N HIS A 87 15.60 9.26 -10.58
CA HIS A 87 16.61 10.29 -10.71
C HIS A 87 16.33 11.40 -9.69
N HIS A 88 15.04 11.67 -9.45
CA HIS A 88 14.62 12.67 -8.49
C HIS A 88 14.89 12.21 -7.06
N THR A 89 14.66 10.93 -6.81
CA THR A 89 14.92 10.33 -5.51
C THR A 89 16.39 10.50 -5.10
N PHE A 90 17.30 10.14 -6.01
CA PHE A 90 18.74 10.22 -5.72
C PHE A 90 19.26 11.64 -5.58
N TYR A 91 19.04 12.45 -6.62
CA TYR A 91 19.69 13.74 -6.72
C TYR A 91 18.97 14.90 -6.05
N ASN A 92 17.64 14.83 -5.96
CA ASN A 92 16.86 15.93 -5.35
C ASN A 92 16.36 15.66 -3.94
N GLU A 93 15.70 14.53 -3.75
CA GLU A 93 15.12 14.24 -2.45
C GLU A 93 16.17 13.80 -1.45
N LEU A 94 16.94 12.76 -1.80
CA LEU A 94 17.92 12.22 -0.87
C LEU A 94 19.30 12.87 -0.93
N ARG A 95 19.68 13.36 -2.10
CA ARG A 95 20.96 14.07 -2.30
C ARG A 95 22.17 13.15 -2.03
N VAL A 96 22.19 12.06 -2.79
CA VAL A 96 23.25 11.05 -2.70
C VAL A 96 23.65 10.63 -4.12
N ALA A 97 24.90 10.18 -4.26
CA ALA A 97 25.34 9.59 -5.50
C ALA A 97 24.98 8.08 -5.48
N PRO A 98 24.10 7.65 -6.42
CA PRO A 98 23.65 6.25 -6.52
C PRO A 98 24.75 5.19 -6.52
N GLU A 99 25.92 5.50 -7.09
CA GLU A 99 26.99 4.51 -7.20
C GLU A 99 27.69 4.26 -5.88
N GLU A 100 27.20 4.90 -4.82
CA GLU A 100 27.85 4.81 -3.51
C GLU A 100 27.00 4.11 -2.44
N HIS A 101 25.76 3.79 -2.77
CA HIS A 101 24.86 3.16 -1.80
C HIS A 101 24.15 1.97 -2.40
N PRO A 102 24.27 0.78 -1.76
CA PRO A 102 23.41 -0.37 -2.04
C PRO A 102 21.97 0.08 -1.99
N THR A 103 21.16 -0.32 -2.95
CA THR A 103 19.81 0.22 -3.02
C THR A 103 18.74 -0.85 -2.99
N LEU A 104 17.90 -0.80 -1.96
CA LEU A 104 16.78 -1.73 -1.82
C LEU A 104 15.50 -1.12 -2.39
N LEU A 105 14.94 -1.78 -3.42
CA LEU A 105 13.69 -1.36 -4.02
C LEU A 105 12.53 -2.29 -3.64
N THR A 106 11.30 -1.85 -3.91
CA THR A 106 10.14 -2.65 -3.58
C THR A 106 9.27 -2.90 -4.82
N GLU A 107 8.57 -4.04 -4.81
CA GLU A 107 7.67 -4.41 -5.89
C GLU A 107 6.36 -4.91 -5.30
N ALA A 108 5.28 -4.68 -6.05
CA ALA A 108 3.98 -5.29 -5.76
C ALA A 108 4.08 -6.82 -5.77
N PRO A 109 3.30 -7.49 -4.91
CA PRO A 109 3.15 -8.96 -5.00
C PRO A 109 2.61 -9.33 -6.38
N LEU A 110 3.12 -10.44 -6.93
CA LEU A 110 2.81 -10.92 -8.29
C LEU A 110 3.39 -10.06 -9.44
N ASN A 111 4.26 -9.10 -9.10
CA ASN A 111 5.01 -8.32 -10.10
C ASN A 111 5.69 -9.25 -11.08
N PRO A 112 5.39 -9.11 -12.38
CA PRO A 112 5.96 -9.98 -13.42
C PRO A 112 7.49 -10.04 -13.37
N LYS A 113 8.04 -11.24 -13.59
CA LYS A 113 9.49 -11.46 -13.65
C LYS A 113 10.21 -10.44 -14.56
N ALA A 114 9.65 -10.21 -15.75
CA ALA A 114 10.20 -9.25 -16.72
C ALA A 114 10.31 -7.80 -16.20
N ASN A 115 9.32 -7.38 -15.44
CA ASN A 115 9.29 -6.08 -14.80
C ASN A 115 10.46 -5.94 -13.79
N ARG A 116 10.62 -6.95 -12.94
CA ARG A 116 11.71 -7.02 -11.96
C ARG A 116 13.11 -6.94 -12.60
N GLU A 117 13.26 -7.54 -13.78
CA GLU A 117 14.53 -7.58 -14.49
C GLU A 117 14.88 -6.22 -15.09
N LYS A 118 13.87 -5.57 -15.66
CA LYS A 118 14.03 -4.23 -16.21
C LYS A 118 14.45 -3.24 -15.10
N MET A 119 13.78 -3.31 -13.96
CA MET A 119 14.16 -2.56 -12.75
C MET A 119 15.63 -2.75 -12.39
N THR A 120 16.09 -4.01 -12.40
CA THR A 120 17.46 -4.35 -12.05
C THR A 120 18.45 -3.77 -13.05
N GLN A 121 18.14 -3.93 -14.34
CA GLN A 121 18.90 -3.36 -15.44
C GLN A 121 19.07 -1.84 -15.31
N ILE A 122 17.99 -1.13 -15.05
CA ILE A 122 18.03 0.32 -14.90
C ILE A 122 18.92 0.76 -13.71
N MET A 123 18.71 0.15 -12.55
CA MET A 123 19.55 0.41 -11.40
C MET A 123 21.07 0.22 -11.63
N PHE A 124 21.48 -0.91 -12.20
CA PHE A 124 22.92 -1.20 -12.41
C PHE A 124 23.56 -0.47 -13.59
N GLU A 125 22.79 -0.22 -14.63
CA GLU A 125 23.35 0.28 -15.88
C GLU A 125 23.07 1.74 -16.19
N THR A 126 21.91 2.24 -15.76
CA THR A 126 21.62 3.67 -15.83
C THR A 126 22.18 4.38 -14.59
N PHE A 127 21.96 3.80 -13.42
CA PHE A 127 22.32 4.50 -12.17
C PHE A 127 23.62 4.06 -11.53
N ASN A 128 24.18 2.94 -11.99
CA ASN A 128 25.47 2.43 -11.48
C ASN A 128 25.53 2.12 -9.99
N VAL A 129 24.41 1.65 -9.44
CA VAL A 129 24.39 1.26 -8.04
C VAL A 129 25.36 0.08 -7.82
N PRO A 130 26.08 0.07 -6.68
CA PRO A 130 27.06 -1.00 -6.43
C PRO A 130 26.43 -2.34 -6.03
N ALA A 131 25.17 -2.29 -5.61
CA ALA A 131 24.41 -3.47 -5.19
C ALA A 131 22.96 -3.13 -5.13
N MET A 132 22.12 -4.16 -5.13
CA MET A 132 20.69 -3.94 -4.97
C MET A 132 19.92 -5.22 -4.72
N TYR A 133 18.62 -5.02 -4.51
CA TYR A 133 17.68 -6.08 -4.25
C TYR A 133 16.27 -5.55 -4.49
N VAL A 134 15.33 -6.43 -4.80
CA VAL A 134 13.94 -6.06 -4.95
C VAL A 134 13.13 -6.92 -4.01
N ALA A 135 12.47 -6.28 -3.07
CA ALA A 135 11.67 -6.97 -2.08
C ALA A 135 10.16 -6.80 -2.32
N ILE A 136 9.40 -7.81 -1.91
CA ILE A 136 7.95 -7.75 -1.99
C ILE A 136 7.41 -6.91 -0.84
N GLN A 137 6.68 -5.85 -1.21
CA GLN A 137 6.23 -4.83 -0.27
C GLN A 137 5.49 -5.39 0.93
N ALA A 138 4.56 -6.31 0.69
CA ALA A 138 3.70 -6.78 1.77
C ALA A 138 4.45 -7.64 2.80
N VAL A 139 5.58 -8.21 2.39
CA VAL A 139 6.42 -9.01 3.30
C VAL A 139 7.18 -8.07 4.24
N LEU A 140 7.70 -6.97 3.67
CA LEU A 140 8.34 -5.94 4.46
C LEU A 140 7.42 -5.44 5.58
N SER A 141 6.18 -5.06 5.23
CA SER A 141 5.16 -4.70 6.22
C SER A 141 4.99 -5.74 7.32
N LEU A 142 4.89 -7.02 6.94
CA LEU A 142 4.88 -8.08 7.95
C LEU A 142 6.11 -8.00 8.87
N TYR A 143 7.31 -7.85 8.30
CA TYR A 143 8.54 -7.77 9.12
C TYR A 143 8.54 -6.59 10.10
N ALA A 144 8.00 -5.45 9.65
CA ALA A 144 7.85 -4.27 10.48
C ALA A 144 6.96 -4.51 11.69
N SER A 145 6.06 -5.50 11.61
CA SER A 145 5.23 -5.86 12.78
C SER A 145 5.90 -6.90 13.68
N GLY A 146 7.16 -7.23 13.41
CA GLY A 146 7.90 -8.21 14.17
C GLY A 146 7.44 -9.64 13.94
N ARG A 147 7.16 -9.99 12.68
CA ARG A 147 6.57 -11.27 12.34
C ARG A 147 7.13 -11.79 11.02
N THR A 148 7.18 -13.11 10.89
CA THR A 148 7.58 -13.73 9.61
C THR A 148 6.47 -14.58 8.98
N THR A 149 5.46 -14.91 9.78
CA THR A 149 4.27 -15.61 9.31
C THR A 149 3.03 -14.75 9.58
N GLY A 150 2.14 -14.65 8.59
CA GLY A 150 0.91 -13.86 8.73
C GLY A 150 0.26 -13.56 7.40
N ILE A 151 -0.96 -13.02 7.44
CA ILE A 151 -1.61 -12.50 6.24
C ILE A 151 -1.76 -10.98 6.29
N VAL A 152 -1.04 -10.33 5.36
CA VAL A 152 -1.07 -8.89 5.25
C VAL A 152 -2.21 -8.40 4.37
N LEU A 153 -2.86 -7.33 4.80
CA LEU A 153 -3.72 -6.54 3.91
C LEU A 153 -3.03 -5.20 3.61
N ASP A 154 -2.66 -5.02 2.35
CA ASP A 154 -1.87 -3.85 1.93
C ASP A 154 -2.73 -3.10 0.97
N SER A 155 -3.17 -1.93 1.42
CA SER A 155 -4.07 -1.10 0.64
C SER A 155 -3.47 0.26 0.46
N GLY A 156 -3.20 0.61 -0.79
CA GLY A 156 -2.56 1.89 -1.06
C GLY A 156 -3.48 2.82 -1.79
N ASP A 157 -2.89 3.64 -2.65
CA ASP A 157 -3.59 4.58 -3.51
C ASP A 157 -4.09 3.96 -4.82
N GLY A 158 -3.45 2.88 -5.26
CA GLY A 158 -3.76 2.32 -6.59
C GLY A 158 -4.14 0.84 -6.60
N VAL A 159 -3.78 0.09 -5.56
CA VAL A 159 -4.12 -1.33 -5.50
C VAL A 159 -4.22 -1.88 -4.07
N THR A 160 -5.00 -2.94 -3.94
CA THR A 160 -5.19 -3.64 -2.68
C THR A 160 -4.88 -5.13 -2.83
N HIS A 161 -3.98 -5.62 -1.99
CA HIS A 161 -3.60 -7.03 -1.98
C HIS A 161 -3.88 -7.72 -0.65
N ASN A 162 -4.26 -8.99 -0.72
CA ASN A 162 -4.17 -9.90 0.45
C ASN A 162 -3.01 -10.82 0.24
N VAL A 163 -2.03 -10.78 1.13
CA VAL A 163 -0.81 -11.56 0.94
C VAL A 163 -0.51 -12.50 2.11
N PRO A 164 -0.83 -13.80 1.95
CA PRO A 164 -0.48 -14.76 2.98
C PRO A 164 1.01 -15.13 2.95
N ILE A 165 1.63 -15.10 4.13
CA ILE A 165 3.07 -15.23 4.25
C ILE A 165 3.39 -16.28 5.32
N TYR A 166 4.27 -17.22 4.98
CA TYR A 166 4.66 -18.26 5.90
C TYR A 166 6.17 -18.35 5.93
N GLU A 167 6.74 -18.08 7.12
CA GLU A 167 8.19 -18.08 7.35
C GLU A 167 9.01 -17.17 6.43
N GLY A 168 8.42 -16.04 6.03
CA GLY A 168 9.13 -15.05 5.21
C GLY A 168 8.83 -15.06 3.73
N TYR A 169 8.15 -16.09 3.23
CA TYR A 169 7.82 -16.18 1.80
C TYR A 169 6.32 -16.04 1.51
N ALA A 170 5.99 -15.11 0.61
CA ALA A 170 4.63 -14.93 0.13
C ALA A 170 4.17 -16.19 -0.59
N LEU A 171 2.91 -16.57 -0.42
CA LEU A 171 2.40 -17.79 -1.08
C LEU A 171 1.61 -17.40 -2.34
N PRO A 172 2.27 -17.48 -3.51
CA PRO A 172 1.78 -16.75 -4.70
C PRO A 172 0.42 -17.23 -5.25
N HIS A 173 0.15 -18.53 -5.14
CA HIS A 173 -1.16 -19.10 -5.49
C HIS A 173 -2.33 -18.57 -4.66
N ALA A 174 -2.05 -17.99 -3.49
CA ALA A 174 -3.08 -17.53 -2.56
C ALA A 174 -3.21 -16.01 -2.45
N ILE A 175 -2.30 -15.28 -3.08
CA ILE A 175 -2.36 -13.82 -3.11
C ILE A 175 -3.62 -13.32 -3.85
N MET A 176 -4.36 -12.43 -3.21
CA MET A 176 -5.54 -11.80 -3.84
C MET A 176 -5.24 -10.37 -4.21
N ARG A 177 -5.71 -9.96 -5.39
CA ARG A 177 -5.53 -8.59 -5.83
C ARG A 177 -6.87 -7.90 -6.09
N LEU A 178 -7.05 -6.74 -5.47
CA LEU A 178 -8.24 -5.94 -5.70
C LEU A 178 -7.84 -4.58 -6.26
N ASP A 179 -8.40 -4.23 -7.43
CA ASP A 179 -8.07 -2.96 -8.10
C ASP A 179 -8.87 -1.80 -7.56
N LEU A 180 -8.85 -1.64 -6.24
CA LEU A 180 -9.65 -0.63 -5.59
C LEU A 180 -8.88 -0.15 -4.38
N ALA A 181 -8.56 1.15 -4.38
CA ALA A 181 -7.83 1.71 -3.27
C ALA A 181 -8.15 3.20 -3.14
N GLY A 182 -7.27 3.95 -2.49
CA GLY A 182 -7.56 5.33 -2.11
C GLY A 182 -7.98 6.30 -3.20
N ARG A 183 -7.41 6.17 -4.39
CA ARG A 183 -7.78 7.05 -5.49
C ARG A 183 -9.22 6.81 -5.93
N ASP A 184 -9.61 5.54 -5.93
CA ASP A 184 -10.99 5.16 -6.25
C ASP A 184 -11.96 5.67 -5.19
N LEU A 185 -11.53 5.58 -3.93
CA LEU A 185 -12.34 6.09 -2.83
C LEU A 185 -12.55 7.61 -2.92
N THR A 186 -11.46 8.33 -3.21
CA THR A 186 -11.51 9.79 -3.35
C THR A 186 -12.46 10.22 -4.46
N ASP A 187 -12.40 9.53 -5.59
CA ASP A 187 -13.27 9.84 -6.74
C ASP A 187 -14.69 9.57 -6.34
N TYR A 188 -14.91 8.46 -5.64
CA TYR A 188 -16.22 8.12 -5.14
C TYR A 188 -16.73 9.22 -4.19
N LEU A 189 -15.87 9.68 -3.27
CA LEU A 189 -16.19 10.82 -2.41
C LEU A 189 -16.50 12.10 -3.21
N MET A 190 -15.78 12.35 -4.32
CA MET A 190 -16.17 13.47 -5.20
C MET A 190 -17.58 13.29 -5.78
N LYS A 191 -17.93 12.04 -6.13
CA LYS A 191 -19.22 11.78 -6.77
C LYS A 191 -20.35 11.96 -5.76
N ILE A 192 -20.18 11.43 -4.56
CA ILE A 192 -21.28 11.47 -3.58
C ILE A 192 -21.50 12.84 -2.93
N LEU A 193 -20.43 13.63 -2.76
CA LEU A 193 -20.57 15.03 -2.30
C LEU A 193 -21.35 15.88 -3.30
N THR A 194 -21.21 15.56 -4.59
CA THR A 194 -21.90 16.27 -5.67
C THR A 194 -23.41 16.16 -5.52
N GLU A 195 -23.83 14.97 -5.11
CA GLU A 195 -25.23 14.70 -4.85
C GLU A 195 -25.76 15.36 -3.56
N ARG A 196 -24.88 15.96 -2.77
CA ARG A 196 -25.29 16.79 -1.61
C ARG A 196 -25.34 18.30 -1.96
N GLY A 197 -24.96 18.65 -3.18
CA GLY A 197 -24.99 20.03 -3.62
C GLY A 197 -23.64 20.65 -3.90
N TYR A 198 -22.56 19.94 -3.56
CA TYR A 198 -21.20 20.42 -3.86
C TYR A 198 -20.72 20.01 -5.26
N SER A 199 -19.81 20.81 -5.81
CA SER A 199 -19.28 20.57 -7.15
C SER A 199 -17.76 20.42 -7.08
N PHE A 200 -17.31 19.21 -6.74
CA PHE A 200 -15.88 18.87 -6.72
C PHE A 200 -15.57 18.10 -8.00
N VAL A 201 -14.82 18.75 -8.90
CA VAL A 201 -14.72 18.26 -10.28
C VAL A 201 -13.29 18.28 -10.85
N THR A 202 -12.52 19.31 -10.50
CA THR A 202 -11.18 19.47 -11.09
C THR A 202 -10.12 18.63 -10.35
N THR A 203 -8.98 18.45 -10.99
CA THR A 203 -7.91 17.65 -10.39
C THR A 203 -7.29 18.35 -9.17
N ALA A 204 -7.26 19.67 -9.17
CA ALA A 204 -6.96 20.46 -7.96
C ALA A 204 -7.96 20.20 -6.83
N GLU A 205 -9.24 20.13 -7.18
CA GLU A 205 -10.31 19.85 -6.21
C GLU A 205 -10.29 18.42 -5.69
N ARG A 206 -9.81 17.52 -6.54
CA ARG A 206 -9.59 16.13 -6.16
C ARG A 206 -8.58 16.00 -5.02
N GLU A 207 -7.67 16.95 -4.91
CA GLU A 207 -6.70 16.99 -3.81
C GLU A 207 -7.36 17.40 -2.50
N ILE A 208 -8.29 18.35 -2.60
CA ILE A 208 -9.06 18.80 -1.45
C ILE A 208 -9.94 17.67 -0.88
N VAL A 209 -10.52 16.86 -1.77
CA VAL A 209 -11.38 15.75 -1.36
C VAL A 209 -10.56 14.57 -0.78
N ARG A 210 -9.34 14.39 -1.26
CA ARG A 210 -8.45 13.38 -0.70
C ARG A 210 -8.17 13.79 0.74
N ASP A 211 -7.93 15.08 0.94
CA ASP A 211 -7.64 15.61 2.25
C ASP A 211 -8.82 15.41 3.19
N ILE A 212 -10.04 15.72 2.73
CA ILE A 212 -11.25 15.47 3.52
C ILE A 212 -11.35 13.99 3.89
N LYS A 213 -11.15 13.14 2.89
CA LYS A 213 -11.16 11.70 3.09
C LYS A 213 -10.28 11.32 4.28
N GLU A 214 -9.06 11.87 4.31
CA GLU A 214 -8.05 11.50 5.29
C GLU A 214 -8.28 12.12 6.67
N LYS A 215 -8.97 13.26 6.73
CA LYS A 215 -9.22 13.93 8.02
C LYS A 215 -10.55 13.49 8.63
N LEU A 216 -11.49 13.07 7.79
CA LEU A 216 -12.89 12.99 8.24
C LEU A 216 -13.59 11.65 8.03
N CYS A 217 -13.10 10.84 7.13
CA CYS A 217 -13.73 9.54 6.85
C CYS A 217 -13.41 8.49 7.93
N TYR A 218 -14.36 7.60 8.18
CA TYR A 218 -14.12 6.47 9.10
C TYR A 218 -14.92 5.29 8.61
N VAL A 219 -14.68 4.12 9.20
CA VAL A 219 -15.42 2.92 8.86
C VAL A 219 -16.47 2.64 9.94
N ALA A 220 -17.74 2.62 9.53
CA ALA A 220 -18.87 2.23 10.39
C ALA A 220 -18.74 0.77 10.78
N LEU A 221 -18.97 0.47 12.05
CA LEU A 221 -19.03 -0.92 12.54
C LEU A 221 -20.23 -1.63 11.91
N ASP A 222 -21.30 -0.86 11.68
CA ASP A 222 -22.50 -1.37 11.03
C ASP A 222 -23.07 -0.26 10.14
N PHE A 223 -23.08 -0.52 8.83
CA PHE A 223 -23.47 0.45 7.81
C PHE A 223 -24.89 0.98 7.96
N GLU A 224 -25.86 0.05 8.04
CA GLU A 224 -27.28 0.36 8.30
C GLU A 224 -27.51 1.26 9.52
N ASN A 225 -27.07 0.82 10.69
CA ASN A 225 -27.17 1.65 11.90
C ASN A 225 -26.65 3.08 11.67
N GLU A 226 -25.48 3.20 11.05
CA GLU A 226 -24.85 4.47 10.77
C GLU A 226 -25.67 5.34 9.79
N MET A 227 -26.17 4.76 8.70
CA MET A 227 -27.07 5.48 7.83
C MET A 227 -28.30 6.03 8.59
N ALA A 228 -28.78 5.26 9.56
CA ALA A 228 -30.01 5.58 10.33
C ALA A 228 -29.77 6.68 11.40
N THR A 229 -28.60 6.64 12.04
CA THR A 229 -28.17 7.76 12.86
C THR A 229 -28.13 9.06 12.04
N ALA A 230 -27.51 8.97 10.85
CA ALA A 230 -27.24 10.13 10.00
C ALA A 230 -28.50 10.67 9.32
N ALA A 231 -29.50 9.80 9.17
CA ALA A 231 -30.79 10.18 8.57
C ALA A 231 -31.64 10.98 9.54
N SER A 232 -31.42 10.75 10.82
CA SER A 232 -32.36 11.18 11.85
C SER A 232 -31.74 12.15 12.86
N SER A 233 -30.46 12.42 12.71
CA SER A 233 -29.80 13.37 13.59
C SER A 233 -28.57 13.94 12.90
N SER A 234 -27.98 14.97 13.49
CA SER A 234 -26.80 15.61 12.93
C SER A 234 -25.53 15.23 13.69
N SER A 235 -25.53 14.09 14.36
CA SER A 235 -24.46 13.77 15.31
C SER A 235 -23.16 13.25 14.67
N LEU A 236 -23.21 12.94 13.38
CA LEU A 236 -22.05 12.44 12.65
C LEU A 236 -21.50 13.49 11.68
N GLU A 237 -22.18 14.64 11.61
CA GLU A 237 -21.79 15.72 10.72
C GLU A 237 -20.51 16.43 11.18
N LYS A 238 -19.63 16.69 10.24
CA LYS A 238 -18.40 17.41 10.51
C LYS A 238 -18.25 18.59 9.59
N SER A 239 -17.56 19.62 10.09
CA SER A 239 -17.20 20.79 9.28
C SER A 239 -15.80 20.63 8.73
N TYR A 240 -15.60 21.13 7.51
CA TYR A 240 -14.30 21.16 6.86
C TYR A 240 -14.07 22.54 6.27
N GLU A 241 -12.89 23.09 6.52
CA GLU A 241 -12.52 24.38 5.97
C GLU A 241 -11.77 24.23 4.66
N LEU A 242 -12.30 24.85 3.60
CA LEU A 242 -11.67 24.88 2.29
C LEU A 242 -10.51 25.90 2.29
N PRO A 243 -9.55 25.79 1.32
CA PRO A 243 -8.40 26.71 1.26
C PRO A 243 -8.75 28.20 1.27
N ASP A 244 -9.87 28.57 0.63
CA ASP A 244 -10.28 29.97 0.54
C ASP A 244 -11.11 30.48 1.74
N GLY A 245 -11.27 29.63 2.75
CA GLY A 245 -11.94 30.03 3.99
C GLY A 245 -13.37 29.54 4.19
N GLN A 246 -14.02 29.07 3.13
CA GLN A 246 -15.40 28.57 3.23
C GLN A 246 -15.46 27.24 3.97
N VAL A 247 -16.52 27.07 4.75
CA VAL A 247 -16.71 25.92 5.64
C VAL A 247 -17.89 25.10 5.16
N ILE A 248 -17.67 23.81 4.93
CA ILE A 248 -18.75 22.93 4.50
C ILE A 248 -18.96 21.78 5.48
N THR A 249 -20.15 21.19 5.44
CA THR A 249 -20.49 20.06 6.27
C THR A 249 -20.54 18.78 5.43
N ILE A 250 -19.93 17.72 5.96
CA ILE A 250 -20.07 16.40 5.38
C ILE A 250 -20.72 15.42 6.39
N GLY A 251 -21.65 14.60 5.93
CA GLY A 251 -22.39 13.66 6.80
C GLY A 251 -22.10 12.19 6.54
N ASN A 252 -23.12 11.42 6.16
CA ASN A 252 -22.93 9.98 5.87
C ASN A 252 -21.81 9.63 4.89
N GLU A 253 -21.43 10.59 4.04
CA GLU A 253 -20.27 10.47 3.15
C GLU A 253 -18.99 10.00 3.87
N ARG A 254 -18.84 10.40 5.14
CA ARG A 254 -17.70 10.04 5.98
C ARG A 254 -17.46 8.54 6.02
N PHE A 255 -18.52 7.77 6.18
CA PHE A 255 -18.39 6.34 6.22
C PHE A 255 -18.88 5.64 4.95
N ARG A 256 -19.68 6.31 4.13
CA ARG A 256 -20.12 5.74 2.85
C ARG A 256 -18.93 5.57 1.88
N CYS A 257 -17.97 6.49 1.95
CA CYS A 257 -16.77 6.42 1.13
C CYS A 257 -15.96 5.13 1.42
N PRO A 258 -15.34 4.99 2.62
CA PRO A 258 -14.56 3.75 2.84
C PRO A 258 -15.37 2.44 2.94
N GLU A 259 -16.69 2.52 2.99
CA GLU A 259 -17.56 1.33 3.00
C GLU A 259 -17.39 0.51 1.71
N THR A 260 -16.98 1.20 0.65
CA THR A 260 -16.73 0.61 -0.65
C THR A 260 -15.63 -0.46 -0.56
N LEU A 261 -14.77 -0.37 0.44
CA LEU A 261 -13.80 -1.45 0.69
C LEU A 261 -14.48 -2.80 1.00
N PHE A 262 -15.58 -2.78 1.73
CA PHE A 262 -16.26 -4.01 2.12
C PHE A 262 -17.35 -4.38 1.13
N GLN A 263 -17.86 -3.38 0.41
CA GLN A 263 -18.88 -3.59 -0.64
C GLN A 263 -18.50 -2.85 -1.94
N PRO A 264 -17.62 -3.47 -2.76
CA PRO A 264 -17.10 -2.74 -3.93
C PRO A 264 -18.10 -2.42 -5.05
N SER A 265 -19.27 -3.07 -5.05
CA SER A 265 -20.28 -2.79 -6.07
C SER A 265 -20.91 -1.40 -6.01
N PHE A 266 -20.67 -0.69 -4.91
CA PHE A 266 -20.95 0.73 -4.76
C PHE A 266 -20.36 1.61 -5.87
N ILE A 267 -19.22 1.20 -6.44
CA ILE A 267 -18.70 1.84 -7.66
C ILE A 267 -18.79 0.95 -8.92
N GLY A 268 -19.61 -0.10 -8.88
CA GLY A 268 -19.82 -0.93 -10.06
C GLY A 268 -18.79 -2.03 -10.27
N MET A 269 -18.06 -2.38 -9.21
CA MET A 269 -17.16 -3.52 -9.27
C MET A 269 -17.81 -4.75 -8.65
N GLU A 270 -17.68 -5.88 -9.35
CA GLU A 270 -18.24 -7.16 -8.94
C GLU A 270 -17.39 -7.89 -7.89
N SER A 271 -16.13 -7.48 -7.72
CA SER A 271 -15.23 -8.15 -6.77
C SER A 271 -15.83 -8.26 -5.37
N ALA A 272 -15.30 -9.21 -4.62
CA ALA A 272 -15.64 -9.40 -3.24
C ALA A 272 -14.93 -8.29 -2.42
N GLY A 273 -15.36 -8.07 -1.19
CA GLY A 273 -14.75 -7.05 -0.34
C GLY A 273 -13.49 -7.53 0.35
N ILE A 274 -12.82 -6.62 1.06
CA ILE A 274 -11.52 -6.93 1.68
C ILE A 274 -11.60 -7.98 2.80
N HIS A 275 -12.78 -8.09 3.42
CA HIS A 275 -13.06 -9.15 4.39
C HIS A 275 -13.19 -10.51 3.67
N GLU A 276 -13.97 -10.54 2.60
CA GLU A 276 -14.18 -11.78 1.84
C GLU A 276 -12.89 -12.30 1.21
N THR A 277 -12.09 -11.39 0.69
CA THR A 277 -10.84 -11.74 0.00
C THR A 277 -9.74 -12.21 0.95
N THR A 278 -9.72 -11.67 2.17
CA THR A 278 -8.88 -12.19 3.26
C THR A 278 -9.30 -13.65 3.53
N TYR A 279 -10.59 -13.86 3.65
CA TYR A 279 -11.11 -15.20 3.85
C TYR A 279 -10.75 -16.13 2.69
N ASN A 280 -11.03 -15.69 1.45
CA ASN A 280 -10.75 -16.53 0.28
C ASN A 280 -9.26 -16.83 0.19
N SER A 281 -8.44 -15.85 0.60
CA SER A 281 -6.99 -15.99 0.56
C SER A 281 -6.52 -17.07 1.53
N ILE A 282 -6.92 -16.93 2.79
CA ILE A 282 -6.66 -17.94 3.81
C ILE A 282 -7.11 -19.34 3.36
N MET A 283 -8.25 -19.41 2.68
CA MET A 283 -8.78 -20.71 2.23
C MET A 283 -8.01 -21.39 1.09
N LYS A 284 -7.24 -20.61 0.32
CA LYS A 284 -6.34 -21.14 -0.71
C LYS A 284 -5.03 -21.67 -0.11
N CYS A 285 -4.92 -21.60 1.21
CA CYS A 285 -3.72 -22.03 1.93
C CYS A 285 -3.89 -23.42 2.56
N ASP A 286 -2.75 -24.06 2.78
CA ASP A 286 -2.66 -25.34 3.47
C ASP A 286 -3.33 -25.20 4.82
N ILE A 287 -4.19 -26.17 5.15
CA ILE A 287 -4.93 -26.13 6.41
C ILE A 287 -4.02 -25.98 7.64
N ASP A 288 -2.77 -26.47 7.56
CA ASP A 288 -1.85 -26.42 8.69
C ASP A 288 -1.50 -25.04 9.21
N ILE A 289 -1.54 -24.04 8.31
CA ILE A 289 -1.14 -22.67 8.63
C ILE A 289 -2.29 -21.67 8.71
N ARG A 290 -3.51 -22.14 8.46
CA ARG A 290 -4.68 -21.24 8.47
C ARG A 290 -4.99 -20.61 9.83
N LYS A 291 -4.85 -21.38 10.90
CA LYS A 291 -4.99 -20.81 12.25
C LYS A 291 -4.02 -19.63 12.45
N ASP A 292 -2.76 -19.82 12.07
CA ASP A 292 -1.74 -18.78 12.19
C ASP A 292 -2.03 -17.57 11.33
N LEU A 293 -2.61 -17.78 10.15
CA LEU A 293 -3.01 -16.66 9.31
C LEU A 293 -4.12 -15.84 9.95
N TYR A 294 -5.18 -16.51 10.39
CA TYR A 294 -6.32 -15.87 11.07
C TYR A 294 -5.92 -15.04 12.31
N ALA A 295 -4.96 -15.57 13.06
CA ALA A 295 -4.47 -14.93 14.28
C ALA A 295 -3.49 -13.79 13.97
N ASN A 296 -3.19 -13.58 12.70
CA ASN A 296 -2.13 -12.64 12.31
C ASN A 296 -2.43 -11.76 11.09
N ASN A 297 -3.62 -11.17 11.08
CA ASN A 297 -4.00 -10.18 10.06
C ASN A 297 -3.31 -8.87 10.30
N VAL A 298 -2.29 -8.60 9.53
CA VAL A 298 -1.59 -7.31 9.63
C VAL A 298 -2.08 -6.37 8.53
N MET A 299 -2.40 -5.14 8.92
CA MET A 299 -2.79 -4.12 7.95
C MET A 299 -1.68 -3.13 7.65
N SER A 300 -1.63 -2.73 6.38
CA SER A 300 -0.53 -1.96 5.85
C SER A 300 -1.04 -1.00 4.77
N GLY A 301 -0.49 0.22 4.75
CA GLY A 301 -0.83 1.22 3.75
C GLY A 301 -1.86 2.27 4.17
N GLY A 302 -1.84 3.40 3.47
CA GLY A 302 -2.64 4.57 3.81
C GLY A 302 -4.12 4.31 3.84
N THR A 303 -4.59 3.50 2.91
CA THR A 303 -6.00 3.19 2.85
C THR A 303 -6.48 2.24 3.98
N THR A 304 -5.59 1.71 4.80
CA THR A 304 -6.02 1.03 6.04
C THR A 304 -5.97 1.98 7.26
N MET A 305 -5.94 3.30 7.02
CA MET A 305 -5.80 4.28 8.12
C MET A 305 -7.14 4.77 8.66
N TYR A 306 -8.22 4.37 8.02
CA TYR A 306 -9.57 4.72 8.49
C TYR A 306 -9.79 4.28 9.93
N PRO A 307 -10.12 5.23 10.83
CA PRO A 307 -10.56 4.84 12.17
C PRO A 307 -11.68 3.80 12.06
N GLY A 308 -11.71 2.84 12.98
CA GLY A 308 -12.77 1.84 13.01
C GLY A 308 -12.57 0.67 12.05
N ILE A 309 -11.58 0.76 11.16
CA ILE A 309 -11.33 -0.31 10.17
C ILE A 309 -10.93 -1.68 10.76
N ALA A 310 -10.25 -1.66 11.91
CA ALA A 310 -9.81 -2.88 12.57
C ALA A 310 -10.97 -3.62 13.25
N ASP A 311 -11.91 -2.89 13.86
CA ASP A 311 -13.08 -3.47 14.55
C ASP A 311 -14.05 -4.04 13.55
N ARG A 312 -14.07 -3.46 12.35
CA ARG A 312 -14.99 -3.89 11.33
C ARG A 312 -14.46 -5.13 10.65
N MET A 313 -13.14 -5.18 10.47
CA MET A 313 -12.48 -6.38 9.95
C MET A 313 -12.63 -7.55 10.93
N GLN A 314 -12.45 -7.27 12.22
CA GLN A 314 -12.63 -8.30 13.24
C GLN A 314 -14.04 -8.90 13.10
N LYS A 315 -15.04 -8.02 13.09
CA LYS A 315 -16.44 -8.40 13.06
C LYS A 315 -16.81 -9.16 11.78
N GLU A 316 -16.34 -8.66 10.63
CA GLU A 316 -16.66 -9.27 9.33
C GLU A 316 -15.99 -10.63 9.14
N ILE A 317 -14.72 -10.71 9.55
CA ILE A 317 -13.96 -11.96 9.50
C ILE A 317 -14.59 -12.99 10.43
N THR A 318 -14.93 -12.57 11.66
CA THR A 318 -15.64 -13.44 12.60
C THR A 318 -16.85 -14.09 11.96
N ALA A 319 -17.68 -13.29 11.29
CA ALA A 319 -18.93 -13.79 10.69
C ALA A 319 -18.72 -14.84 9.59
N LEU A 320 -17.56 -14.85 8.95
CA LEU A 320 -17.26 -15.81 7.87
C LEU A 320 -16.48 -17.04 8.32
N ALA A 321 -15.73 -16.92 9.42
CA ALA A 321 -14.85 -17.99 9.89
C ALA A 321 -15.59 -18.98 10.78
N PRO A 322 -15.00 -20.17 11.05
CA PRO A 322 -15.64 -21.12 11.99
C PRO A 322 -15.72 -20.55 13.41
N SER A 323 -16.73 -20.97 14.17
CA SER A 323 -17.03 -20.39 15.49
C SER A 323 -15.86 -20.31 16.47
N THR A 324 -14.94 -21.28 16.36
CA THR A 324 -13.84 -21.47 17.31
C THR A 324 -12.55 -20.72 16.94
N MET A 325 -12.59 -19.95 15.87
CA MET A 325 -11.38 -19.39 15.30
C MET A 325 -10.94 -18.14 16.04
N LYS A 326 -9.73 -18.21 16.59
CA LYS A 326 -9.05 -17.06 17.19
C LYS A 326 -8.69 -16.06 16.07
N ILE A 327 -9.42 -14.95 15.99
CA ILE A 327 -9.19 -13.91 14.96
C ILE A 327 -8.49 -12.67 15.53
N LYS A 328 -7.41 -12.24 14.89
CA LYS A 328 -6.71 -11.05 15.35
C LYS A 328 -6.29 -10.12 14.21
N ILE A 329 -6.66 -8.85 14.33
CA ILE A 329 -6.25 -7.79 13.41
C ILE A 329 -5.22 -6.87 14.08
N ILE A 330 -3.98 -6.85 13.54
CA ILE A 330 -2.92 -5.93 14.00
C ILE A 330 -2.84 -4.71 13.07
N ALA A 331 -3.05 -3.53 13.63
CA ALA A 331 -3.04 -2.29 12.87
C ALA A 331 -2.05 -1.30 13.48
N PRO A 332 -0.77 -1.38 13.09
CA PRO A 332 0.23 -0.51 13.70
C PRO A 332 -0.03 0.97 13.38
N PRO A 333 0.29 1.88 14.30
CA PRO A 333 0.07 3.31 14.06
C PRO A 333 0.85 3.87 12.87
N GLU A 334 2.03 3.31 12.63
CA GLU A 334 2.91 3.80 11.59
C GLU A 334 2.70 3.04 10.26
N ARG A 335 1.49 2.52 10.01
CA ARG A 335 1.26 1.65 8.85
C ARG A 335 1.17 2.33 7.45
N LYS A 336 1.15 3.67 7.42
CA LYS A 336 1.38 4.41 6.18
C LYS A 336 2.78 4.19 5.66
N TYR A 337 3.71 3.83 6.56
CA TYR A 337 5.13 3.67 6.21
C TYR A 337 5.71 2.27 6.50
N SER A 338 4.84 1.31 6.82
CA SER A 338 5.28 -0.05 7.16
C SER A 338 6.23 -0.71 6.16
N VAL A 339 5.85 -0.65 4.88
CA VAL A 339 6.64 -1.18 3.79
C VAL A 339 8.05 -0.57 3.84
N TRP A 340 8.11 0.75 3.92
CA TRP A 340 9.41 1.39 4.02
C TRP A 340 10.18 0.88 5.24
N ILE A 341 9.52 0.84 6.40
CA ILE A 341 10.16 0.46 7.66
C ILE A 341 10.66 -0.99 7.66
N GLY A 342 9.84 -1.91 7.14
CA GLY A 342 10.26 -3.29 6.92
C GLY A 342 11.52 -3.38 6.06
N GLY A 343 11.65 -2.43 5.13
CA GLY A 343 12.80 -2.34 4.23
C GLY A 343 14.03 -1.88 4.96
N SER A 344 13.86 -0.83 5.76
CA SER A 344 14.90 -0.34 6.64
C SER A 344 15.44 -1.43 7.56
N ILE A 345 14.52 -2.22 8.14
CA ILE A 345 14.86 -3.37 8.98
C ILE A 345 15.60 -4.48 8.21
N LEU A 346 15.07 -4.89 7.05
CA LEU A 346 15.71 -5.93 6.25
C LEU A 346 17.10 -5.56 5.77
N ALA A 347 17.23 -4.35 5.24
CA ALA A 347 18.50 -3.87 4.76
C ALA A 347 19.57 -3.87 5.84
N SER A 348 19.17 -3.65 7.09
CA SER A 348 20.10 -3.66 8.24
C SER A 348 20.41 -5.05 8.82
N LEU A 349 19.73 -6.11 8.35
CA LEU A 349 19.88 -7.45 8.95
C LEU A 349 21.12 -8.20 8.49
N SER A 350 21.91 -8.66 9.46
CA SER A 350 23.16 -9.37 9.16
C SER A 350 22.91 -10.54 8.20
N THR A 351 21.79 -11.22 8.42
CA THR A 351 21.35 -12.36 7.62
C THR A 351 21.05 -12.00 6.15
N PHE A 352 20.74 -10.73 5.91
CA PHE A 352 20.30 -10.30 4.59
C PHE A 352 21.47 -9.85 3.73
N GLN A 353 22.62 -9.61 4.35
CA GLN A 353 23.76 -9.04 3.64
C GLN A 353 24.26 -9.93 2.52
N GLN A 354 24.10 -11.24 2.67
CA GLN A 354 24.44 -12.21 1.63
C GLN A 354 23.49 -12.19 0.42
N MET A 355 22.38 -11.48 0.54
CA MET A 355 21.35 -11.51 -0.51
C MET A 355 21.42 -10.35 -1.51
N TRP A 356 22.05 -9.23 -1.15
CA TRP A 356 22.35 -8.15 -2.12
C TRP A 356 22.93 -8.70 -3.43
N ILE A 357 22.49 -8.14 -4.56
CA ILE A 357 23.14 -8.42 -5.84
C ILE A 357 24.14 -7.30 -6.13
N THR A 358 25.41 -7.66 -6.26
CA THR A 358 26.46 -6.68 -6.56
C THR A 358 26.57 -6.45 -8.06
N LYS A 359 27.06 -5.26 -8.44
CA LYS A 359 27.27 -4.93 -9.84
C LYS A 359 28.22 -5.91 -10.53
N GLN A 360 29.20 -6.40 -9.79
CA GLN A 360 30.11 -7.42 -10.27
C GLN A 360 29.36 -8.70 -10.67
N GLU A 361 28.55 -9.23 -9.76
CA GLU A 361 27.67 -10.38 -10.02
C GLU A 361 26.86 -10.20 -11.29
N TYR A 362 26.13 -9.09 -11.36
CA TYR A 362 25.25 -8.77 -12.48
C TYR A 362 25.99 -8.70 -13.82
N ASP A 363 27.10 -7.97 -13.88
CA ASP A 363 27.85 -7.79 -15.12
C ASP A 363 28.50 -9.09 -15.61
N GLU A 364 28.64 -10.04 -14.68
CA GLU A 364 29.20 -11.37 -14.93
C GLU A 364 28.12 -12.36 -15.40
N ALA A 365 26.97 -12.34 -14.74
CA ALA A 365 25.93 -13.35 -14.99
C ALA A 365 24.92 -12.94 -16.06
N GLY A 366 24.05 -12.00 -15.70
CA GLY A 366 22.92 -11.61 -16.54
C GLY A 366 21.69 -11.39 -15.68
N PRO A 367 20.64 -10.73 -16.23
CA PRO A 367 19.49 -10.32 -15.42
C PRO A 367 18.75 -11.49 -14.75
N SER A 368 19.11 -12.73 -15.08
CA SER A 368 18.50 -13.91 -14.49
C SER A 368 18.86 -14.09 -13.01
N ILE A 369 20.08 -13.72 -12.64
CA ILE A 369 20.52 -13.80 -11.25
C ILE A 369 19.42 -13.30 -10.30
N VAL A 370 18.37 -12.72 -10.87
CA VAL A 370 17.27 -12.17 -10.08
C VAL A 370 16.17 -13.23 -9.81
N HIS A 371 16.59 -14.49 -9.79
CA HIS A 371 15.69 -15.59 -9.47
C HIS A 371 16.32 -16.46 -8.39
N ARG A 372 17.28 -17.27 -8.80
CA ARG A 372 18.04 -18.11 -7.87
C ARG A 372 18.66 -17.24 -6.77
N LYS A 373 18.06 -16.07 -6.54
CA LYS A 373 18.55 -15.16 -5.51
C LYS A 373 17.41 -14.35 -4.88
N CYS A 374 16.91 -13.36 -5.61
CA CYS A 374 15.81 -12.52 -5.10
C CYS A 374 14.62 -13.34 -4.61
#